data_9F49
#
_entry.id   9F49
#
_cell.length_a   42.397
_cell.length_b   42.861
_cell.length_c   123.646
_cell.angle_alpha   90.000
_cell.angle_beta   90.000
_cell.angle_gamma   90.000
#
_symmetry.space_group_name_H-M   'P 21 21 21'
#
loop_
_entity.id
_entity.type
_entity.pdbx_description
1 polymer 'GP-PDE domain-containing protein'
2 non-polymer SN-GLYCEROL-3-PHOSPHATE
3 non-polymer 'CALCIUM ION'
4 non-polymer 'PHOSPHATE ION'
5 water water
#
_entity_poly.entity_id   1
_entity_poly.type   'polypeptide(L)'
_entity_poly.pdbx_seq_one_letter_code
;KDF(MSE)LIGHRGATGYTDEHTIKGYQ(MSE)ALDKGADYIELDLQLTKDNKLLC(MSE)HDSTIDRTTTGTGKVGD
(MSE)TLSYIQTNFTSLNGEPIPSLDDVLNHFGTKVKYYIETKRPFDAN(MSE)DRELLTQLKAKGLIGIGSERFQVIIQ
SFARESLINIHNQFSNIPLAYLTSTFSESE(MSE)DDCLSYGFYAIAPKYTTITKELVDLAHSKGLKVHAWTVNTKEE
(MSE)QSLIQ(MSE)GVDGFFTNYLDEYKKI
;
_entity_poly.pdbx_strand_id   AAA
#
loop_
_chem_comp.id
_chem_comp.type
_chem_comp.name
_chem_comp.formula
CA non-polymer 'CALCIUM ION' 'Ca 2'
G3P non-polymer SN-GLYCEROL-3-PHOSPHATE 'C3 H9 O6 P'
PO4 non-polymer 'PHOSPHATE ION' 'O4 P -3'
#
# COMPACT_ATOMS: atom_id res chain seq x y z
N ASP A 2 17.80 -1.22 6.52
CA ASP A 2 17.61 0.24 6.77
C ASP A 2 16.89 0.90 5.58
N PHE A 3 16.58 0.14 4.53
CA PHE A 3 15.87 0.64 3.33
C PHE A 3 14.78 -0.34 2.92
N MSE A 4 13.61 0.19 2.58
CA MSE A 4 12.40 -0.59 2.22
C MSE A 4 12.08 -0.42 0.74
O MSE A 4 11.68 0.68 0.32
CB MSE A 4 11.26 -0.08 3.08
CG MSE A 4 10.02 -0.79 2.89
SE MSE A 4 8.79 0.12 4.06
CE MSE A 4 9.47 -0.03 5.85
N LEU A 5 12.21 -1.49 -0.04
CA LEU A 5 11.84 -1.52 -1.47
C LEU A 5 10.41 -2.06 -1.59
N ILE A 6 9.47 -1.23 -2.06
CA ILE A 6 8.02 -1.58 -2.08
C ILE A 6 7.60 -1.83 -3.53
N GLY A 7 7.03 -3.01 -3.79
CA GLY A 7 6.48 -3.37 -5.11
C GLY A 7 5.12 -2.72 -5.31
N HIS A 8 5.09 -1.64 -6.07
CA HIS A 8 3.88 -0.81 -6.32
C HIS A 8 2.85 -1.66 -7.06
N ARG A 9 1.71 -1.92 -6.40
CA ARG A 9 0.61 -2.79 -6.89
C ARG A 9 1.17 -4.15 -7.32
N GLY A 10 2.25 -4.60 -6.69
CA GLY A 10 2.98 -5.82 -7.08
C GLY A 10 4.13 -5.48 -7.99
N ALA A 11 4.11 -5.95 -9.24
CA ALA A 11 5.20 -5.79 -10.23
C ALA A 11 4.63 -5.14 -11.50
N THR A 12 4.04 -3.97 -11.34
CA THR A 12 3.17 -3.27 -12.32
C THR A 12 3.91 -3.05 -13.66
N GLY A 13 5.20 -2.76 -13.62
CA GLY A 13 5.99 -2.50 -14.85
C GLY A 13 6.15 -3.74 -15.72
N TYR A 14 5.93 -4.93 -15.17
CA TYR A 14 6.21 -6.22 -15.85
C TYR A 14 4.95 -7.06 -16.05
N THR A 15 3.91 -6.87 -15.23
CA THR A 15 2.68 -7.71 -15.29
C THR A 15 1.49 -6.89 -14.80
N ASP A 16 0.30 -7.47 -14.84
CA ASP A 16 -0.95 -6.78 -14.41
C ASP A 16 -0.83 -6.36 -12.94
N GLU A 17 -1.28 -5.14 -12.62
CA GLU A 17 -1.31 -4.63 -11.24
C GLU A 17 -2.30 -5.47 -10.42
N HIS A 18 -2.03 -5.62 -9.12
CA HIS A 18 -2.98 -6.20 -8.14
C HIS A 18 -3.48 -7.56 -8.61
N THR A 19 -2.54 -8.45 -8.94
CA THR A 19 -2.80 -9.90 -9.12
C THR A 19 -1.84 -10.69 -8.24
N ILE A 20 -2.22 -11.88 -7.83
CA ILE A 20 -1.36 -12.70 -6.94
C ILE A 20 -0.08 -13.04 -7.71
N LYS A 21 -0.19 -13.29 -9.02
CA LYS A 21 0.97 -13.52 -9.91
C LYS A 21 1.92 -12.31 -9.81
N GLY A 22 1.36 -11.10 -9.86
CA GLY A 22 2.13 -9.83 -9.77
C GLY A 22 2.77 -9.64 -8.40
N TYR A 23 2.06 -9.95 -7.32
CA TYR A 23 2.62 -9.88 -5.96
C TYR A 23 3.79 -10.87 -5.86
N GLN A 24 3.62 -12.09 -6.38
CA GLN A 24 4.70 -13.10 -6.31
C GLN A 24 5.90 -12.61 -7.10
N MSE A 25 5.67 -12.05 -8.30
CA MSE A 25 6.75 -11.54 -9.17
C MSE A 25 7.51 -10.43 -8.42
O MSE A 25 8.75 -10.42 -8.51
CB MSE A 25 6.20 -10.99 -10.49
CG MSE A 25 7.29 -10.48 -11.40
SE MSE A 25 6.57 -10.17 -13.17
CE MSE A 25 5.45 -11.75 -13.51
N ALA A 26 6.81 -9.57 -7.69
CA ALA A 26 7.45 -8.49 -6.89
C ALA A 26 8.44 -9.12 -5.91
N LEU A 27 8.00 -10.14 -5.18
CA LEU A 27 8.84 -10.84 -4.18
C LEU A 27 10.04 -11.47 -4.90
N ASP A 28 9.80 -12.10 -6.06
CA ASP A 28 10.87 -12.75 -6.88
C ASP A 28 11.91 -11.70 -7.30
N LYS A 29 11.48 -10.47 -7.57
CA LYS A 29 12.37 -9.39 -8.09
C LYS A 29 12.97 -8.58 -6.94
N GLY A 30 12.76 -8.98 -5.69
CA GLY A 30 13.49 -8.47 -4.52
C GLY A 30 12.74 -7.44 -3.69
N ALA A 31 11.43 -7.28 -3.91
CA ALA A 31 10.61 -6.35 -3.09
C ALA A 31 10.63 -6.81 -1.62
N ASP A 32 10.77 -5.87 -0.69
CA ASP A 32 10.63 -6.13 0.77
C ASP A 32 9.14 -6.22 1.12
N TYR A 33 8.31 -5.41 0.46
CA TYR A 33 6.86 -5.32 0.71
C TYR A 33 6.11 -5.47 -0.61
N ILE A 34 4.96 -6.13 -0.58
CA ILE A 34 3.96 -6.09 -1.68
C ILE A 34 2.95 -5.01 -1.29
N GLU A 35 2.58 -4.17 -2.25
CA GLU A 35 1.67 -3.03 -1.98
C GLU A 35 0.27 -3.35 -2.52
N LEU A 36 -0.73 -3.33 -1.63
CA LEU A 36 -2.16 -3.53 -1.96
C LEU A 36 -2.85 -2.17 -1.87
N ASP A 37 -3.71 -1.86 -2.83
CA ASP A 37 -4.75 -0.80 -2.73
C ASP A 37 -6.07 -1.54 -2.53
N LEU A 38 -6.91 -1.09 -1.60
CA LEU A 38 -8.16 -1.79 -1.28
C LEU A 38 -9.37 -0.90 -1.58
N GLN A 39 -10.40 -1.50 -2.18
CA GLN A 39 -11.73 -0.87 -2.44
C GLN A 39 -12.79 -1.75 -1.79
N LEU A 40 -13.82 -1.13 -1.23
CA LEU A 40 -14.91 -1.81 -0.50
C LEU A 40 -16.00 -2.24 -1.48
N THR A 41 -16.37 -3.52 -1.48
CA THR A 41 -17.47 -4.06 -2.32
C THR A 41 -18.82 -3.74 -1.68
N LYS A 42 -19.89 -4.03 -2.40
CA LYS A 42 -21.28 -3.77 -1.93
C LYS A 42 -21.55 -4.52 -0.63
N ASP A 43 -20.95 -5.71 -0.48
CA ASP A 43 -21.12 -6.60 0.70
C ASP A 43 -19.96 -6.45 1.69
N ASN A 44 -19.28 -5.30 1.66
CA ASN A 44 -18.28 -4.87 2.69
C ASN A 44 -17.11 -5.86 2.74
N LYS A 45 -16.70 -6.39 1.58
CA LYS A 45 -15.43 -7.13 1.42
C LYS A 45 -14.42 -6.19 0.76
N LEU A 46 -13.14 -6.54 0.86
CA LEU A 46 -12.05 -5.68 0.31
C LEU A 46 -11.44 -6.35 -0.91
N LEU A 47 -11.46 -5.59 -2.01
CA LEU A 47 -10.92 -5.98 -3.33
C LEU A 47 -9.58 -5.29 -3.53
N CYS A 48 -8.60 -6.01 -4.05
CA CYS A 48 -7.30 -5.42 -4.48
C CYS A 48 -7.56 -4.68 -5.79
N MSE A 49 -7.62 -3.37 -5.74
CA MSE A 49 -8.09 -2.52 -6.87
C MSE A 49 -7.67 -1.08 -6.57
O MSE A 49 -7.99 -0.60 -5.49
CB MSE A 49 -9.61 -2.63 -7.01
CG MSE A 49 -10.21 -1.91 -8.20
SE MSE A 49 -9.56 -2.66 -9.89
CE MSE A 49 -9.96 -4.57 -9.66
N HIS A 50 -6.97 -0.45 -7.50
CA HIS A 50 -6.52 0.96 -7.30
C HIS A 50 -7.71 1.91 -7.48
N ASP A 51 -8.38 1.83 -8.63
CA ASP A 51 -9.47 2.77 -8.99
C ASP A 51 -10.75 2.40 -8.24
N SER A 52 -11.65 3.38 -8.10
CA SER A 52 -13.03 3.20 -7.56
C SER A 52 -13.83 2.25 -8.47
N THR A 53 -13.49 2.19 -9.76
CA THR A 53 -14.16 1.37 -10.79
C THR A 53 -13.19 0.32 -11.33
N ILE A 54 -13.73 -0.78 -11.85
CA ILE A 54 -12.91 -1.92 -12.36
C ILE A 54 -12.63 -1.73 -13.87
N ASP A 55 -13.12 -0.66 -14.47
CA ASP A 55 -13.13 -0.46 -15.95
C ASP A 55 -11.69 -0.54 -16.52
N ARG A 56 -10.72 0.12 -15.89
CA ARG A 56 -9.37 0.30 -16.50
C ARG A 56 -8.61 -1.02 -16.56
N THR A 57 -8.71 -1.87 -15.54
CA THR A 57 -7.76 -2.99 -15.31
C THR A 57 -8.41 -4.36 -15.43
N THR A 58 -9.73 -4.44 -15.64
CA THR A 58 -10.44 -5.74 -15.69
C THR A 58 -11.25 -5.86 -16.97
N THR A 59 -11.80 -7.04 -17.19
CA THR A 59 -12.73 -7.34 -18.31
C THR A 59 -14.13 -6.80 -17.99
N GLY A 60 -14.35 -6.22 -16.79
CA GLY A 60 -15.65 -5.70 -16.35
C GLY A 60 -15.68 -4.19 -16.27
N THR A 61 -16.83 -3.64 -15.91
CA THR A 61 -17.03 -2.19 -15.64
C THR A 61 -17.85 -2.03 -14.38
N GLY A 62 -17.78 -0.84 -13.78
CA GLY A 62 -18.67 -0.45 -12.68
C GLY A 62 -17.89 -0.08 -11.44
N LYS A 63 -18.55 0.61 -10.51
CA LYS A 63 -17.95 0.96 -9.19
C LYS A 63 -17.84 -0.30 -8.35
N VAL A 64 -16.70 -0.52 -7.71
CA VAL A 64 -16.51 -1.68 -6.80
C VAL A 64 -17.63 -1.68 -5.75
N GLY A 65 -17.98 -0.51 -5.23
CA GLY A 65 -18.99 -0.38 -4.16
C GLY A 65 -20.38 -0.76 -4.61
N ASP A 66 -20.62 -0.92 -5.91
CA ASP A 66 -21.96 -1.26 -6.46
C ASP A 66 -22.12 -2.77 -6.72
N MSE A 67 -21.08 -3.57 -6.53
CA MSE A 67 -21.10 -5.01 -6.87
C MSE A 67 -20.62 -5.80 -5.66
O MSE A 67 -19.74 -5.31 -4.93
CB MSE A 67 -20.23 -5.27 -8.10
CG MSE A 67 -20.78 -4.66 -9.37
SE MSE A 67 -19.49 -4.79 -10.85
CE MSE A 67 -18.08 -3.57 -10.24
N THR A 68 -21.15 -7.01 -5.50
CA THR A 68 -20.65 -7.94 -4.45
C THR A 68 -19.29 -8.48 -4.91
N LEU A 69 -18.48 -8.91 -3.95
CA LEU A 69 -17.18 -9.55 -4.24
C LEU A 69 -17.42 -10.74 -5.16
N SER A 70 -18.44 -11.55 -4.87
CA SER A 70 -18.78 -12.76 -5.64
C SER A 70 -19.08 -12.40 -7.10
N TYR A 71 -19.90 -11.38 -7.34
CA TYR A 71 -20.27 -10.93 -8.70
C TYR A 71 -19.01 -10.55 -9.48
N ILE A 72 -18.10 -9.80 -8.84
CA ILE A 72 -16.85 -9.32 -9.49
C ILE A 72 -15.98 -10.54 -9.83
N GLN A 73 -15.72 -11.41 -8.87
CA GLN A 73 -14.74 -12.51 -9.02
C GLN A 73 -15.29 -13.59 -9.96
N THR A 74 -16.61 -13.78 -10.02
CA THR A 74 -17.20 -14.85 -10.86
C THR A 74 -17.28 -14.39 -12.32
N ASN A 75 -17.47 -13.10 -12.58
CA ASN A 75 -17.79 -12.58 -13.94
C ASN A 75 -16.56 -12.03 -14.65
N PHE A 76 -15.57 -11.50 -13.93
CA PHE A 76 -14.48 -10.71 -14.57
C PHE A 76 -13.11 -11.25 -14.17
N THR A 77 -12.11 -10.89 -14.96
CA THR A 77 -10.68 -11.18 -14.67
C THR A 77 -9.89 -9.89 -14.85
N SER A 78 -8.65 -9.91 -14.39
CA SER A 78 -7.66 -8.87 -14.78
C SER A 78 -7.53 -8.87 -16.31
N LEU A 79 -6.95 -7.80 -16.86
CA LEU A 79 -6.78 -7.59 -18.32
CA LEU A 79 -6.78 -7.59 -18.32
C LEU A 79 -6.24 -8.86 -18.98
N ASN A 80 -5.20 -9.46 -18.40
CA ASN A 80 -4.51 -10.61 -19.04
C ASN A 80 -4.93 -11.93 -18.41
N GLY A 81 -6.10 -11.97 -17.75
CA GLY A 81 -6.83 -13.23 -17.45
C GLY A 81 -6.60 -13.75 -16.04
N GLU A 82 -5.74 -13.12 -15.24
CA GLU A 82 -5.54 -13.55 -13.83
C GLU A 82 -6.80 -13.19 -13.03
N PRO A 83 -7.12 -13.96 -11.97
CA PRO A 83 -8.24 -13.60 -11.12
C PRO A 83 -8.00 -12.23 -10.47
N ILE A 84 -9.09 -11.52 -10.16
CA ILE A 84 -9.08 -10.28 -9.34
C ILE A 84 -9.13 -10.72 -7.89
N PRO A 85 -8.04 -10.53 -7.11
CA PRO A 85 -7.98 -11.06 -5.75
C PRO A 85 -8.65 -10.12 -4.73
N SER A 86 -9.26 -10.73 -3.73
CA SER A 86 -9.75 -10.07 -2.50
C SER A 86 -8.57 -9.98 -1.53
N LEU A 87 -8.67 -9.12 -0.54
CA LEU A 87 -7.67 -9.10 0.57
C LEU A 87 -7.56 -10.53 1.12
N ASP A 88 -8.70 -11.19 1.36
CA ASP A 88 -8.74 -12.55 1.95
C ASP A 88 -7.87 -13.49 1.09
N ASP A 89 -8.03 -13.45 -0.24
CA ASP A 89 -7.30 -14.31 -1.19
C ASP A 89 -5.78 -14.10 -1.01
N VAL A 90 -5.34 -12.86 -0.91
CA VAL A 90 -3.89 -12.51 -0.82
C VAL A 90 -3.34 -13.03 0.51
N LEU A 91 -4.03 -12.76 1.61
CA LEU A 91 -3.57 -13.17 2.97
C LEU A 91 -3.59 -14.70 3.07
N ASN A 92 -4.58 -15.36 2.45
CA ASN A 92 -4.67 -16.84 2.46
C ASN A 92 -3.51 -17.43 1.65
N HIS A 93 -3.10 -16.76 0.59
CA HIS A 93 -2.03 -17.22 -0.33
C HIS A 93 -0.66 -17.07 0.32
N PHE A 94 -0.33 -15.89 0.84
CA PHE A 94 1.03 -15.57 1.33
C PHE A 94 1.15 -15.74 2.84
N GLY A 95 0.04 -15.59 3.58
CA GLY A 95 0.04 -15.68 5.05
C GLY A 95 1.11 -14.81 5.67
N THR A 96 1.90 -15.37 6.60
CA THR A 96 2.92 -14.62 7.37
C THR A 96 4.28 -14.72 6.69
N LYS A 97 4.35 -15.15 5.42
CA LYS A 97 5.64 -15.36 4.70
C LYS A 97 6.13 -14.05 4.06
N VAL A 98 5.26 -13.04 3.94
CA VAL A 98 5.59 -11.79 3.22
C VAL A 98 5.19 -10.60 4.08
N LYS A 99 5.68 -9.42 3.69
CA LYS A 99 5.33 -8.14 4.34
C LYS A 99 4.42 -7.34 3.42
N TYR A 100 3.41 -6.71 4.02
CA TYR A 100 2.30 -6.05 3.31
C TYR A 100 2.33 -4.55 3.57
N TYR A 101 2.14 -3.76 2.52
CA TYR A 101 2.01 -2.28 2.58
C TYR A 101 0.64 -1.97 1.99
N ILE A 102 -0.34 -1.66 2.84
CA ILE A 102 -1.78 -1.75 2.46
C ILE A 102 -2.41 -0.37 2.53
N GLU A 103 -2.99 0.10 1.42
CA GLU A 103 -3.69 1.40 1.35
C GLU A 103 -5.20 1.21 1.45
N THR A 104 -5.83 1.98 2.34
CA THR A 104 -7.30 2.19 2.37
C THR A 104 -7.62 3.33 1.41
N LYS A 105 -8.26 3.01 0.29
CA LYS A 105 -8.60 4.03 -0.74
C LYS A 105 -9.78 4.84 -0.24
N ARG A 106 -9.92 6.05 -0.76
CA ARG A 106 -11.02 6.98 -0.42
C ARG A 106 -12.25 6.63 -1.25
N PRO A 107 -13.47 6.99 -0.81
CA PRO A 107 -13.66 7.74 0.44
C PRO A 107 -13.45 6.93 1.72
N PHE A 108 -13.06 7.61 2.80
CA PHE A 108 -12.98 7.03 4.16
C PHE A 108 -14.28 6.27 4.44
N ASP A 109 -14.16 5.08 5.01
CA ASP A 109 -15.32 4.24 5.37
C ASP A 109 -14.93 3.37 6.56
N ALA A 110 -15.58 3.55 7.71
CA ALA A 110 -15.27 2.76 8.92
C ALA A 110 -15.43 1.27 8.63
N ASN A 111 -16.32 0.87 7.71
CA ASN A 111 -16.53 -0.55 7.31
C ASN A 111 -15.26 -1.11 6.64
N MSE A 112 -14.57 -0.30 5.85
CA MSE A 112 -13.30 -0.73 5.19
C MSE A 112 -12.23 -0.96 6.27
O MSE A 112 -11.59 -2.03 6.26
CB MSE A 112 -12.80 0.29 4.17
CG MSE A 112 -11.33 0.16 3.85
SE MSE A 112 -10.95 1.02 2.15
CE MSE A 112 -12.26 2.45 1.95
N ASP A 113 -12.05 -0.01 7.16
CA ASP A 113 -11.07 -0.12 8.28
C ASP A 113 -11.38 -1.38 9.10
N ARG A 114 -12.64 -1.58 9.47
CA ARG A 114 -13.06 -2.75 10.29
CA ARG A 114 -13.04 -2.76 10.29
C ARG A 114 -12.72 -4.05 9.54
N GLU A 115 -13.11 -4.15 8.26
CA GLU A 115 -12.89 -5.39 7.47
C GLU A 115 -11.38 -5.64 7.31
N LEU A 116 -10.58 -4.59 7.09
CA LEU A 116 -9.11 -4.73 6.95
C LEU A 116 -8.55 -5.32 8.25
N LEU A 117 -8.91 -4.75 9.39
CA LEU A 117 -8.37 -5.20 10.69
C LEU A 117 -8.85 -6.63 10.97
N THR A 118 -10.10 -6.94 10.62
CA THR A 118 -10.67 -8.30 10.81
C THR A 118 -9.83 -9.33 10.05
N GLN A 119 -9.51 -9.06 8.77
CA GLN A 119 -8.82 -10.04 7.91
C GLN A 119 -7.38 -10.18 8.41
N LEU A 120 -6.72 -9.08 8.77
CA LEU A 120 -5.32 -9.14 9.24
C LEU A 120 -5.26 -9.92 10.55
N LYS A 121 -6.20 -9.67 11.46
CA LYS A 121 -6.20 -10.30 12.80
C LYS A 121 -6.38 -11.81 12.62
N ALA A 122 -7.23 -12.24 11.68
CA ALA A 122 -7.55 -13.66 11.41
C ALA A 122 -6.29 -14.45 10.99
N LYS A 123 -5.27 -13.77 10.46
CA LYS A 123 -3.99 -14.38 10.01
C LYS A 123 -2.88 -14.17 11.04
N GLY A 124 -3.17 -13.48 12.15
CA GLY A 124 -2.18 -13.15 13.18
C GLY A 124 -1.16 -12.12 12.70
N LEU A 125 -1.52 -11.30 11.71
CA LEU A 125 -0.58 -10.32 11.09
C LEU A 125 -0.54 -9.01 11.88
N ILE A 126 -1.53 -8.79 12.74
CA ILE A 126 -1.59 -7.66 13.70
C ILE A 126 -2.04 -8.22 15.05
N GLY A 127 -1.92 -7.43 16.10
CA GLY A 127 -2.27 -7.84 17.47
C GLY A 127 -1.22 -8.77 18.04
N ILE A 128 -1.59 -9.55 19.06
CA ILE A 128 -0.63 -10.34 19.90
C ILE A 128 0.22 -11.25 19.02
N GLY A 129 1.54 -11.24 19.24
CA GLY A 129 2.50 -12.18 18.61
C GLY A 129 2.87 -11.75 17.21
N SER A 130 2.29 -10.68 16.67
CA SER A 130 2.57 -10.20 15.30
C SER A 130 3.95 -9.53 15.29
N GLU A 131 4.62 -9.54 14.14
CA GLU A 131 5.92 -8.86 13.96
C GLU A 131 5.64 -7.41 13.58
N ARG A 132 6.12 -6.46 14.38
CA ARG A 132 6.10 -5.04 13.98
C ARG A 132 6.80 -4.96 12.63
N PHE A 133 6.18 -4.23 11.71
CA PHE A 133 6.63 -3.94 10.33
C PHE A 133 6.23 -5.06 9.36
N GLN A 134 5.58 -6.13 9.80
CA GLN A 134 5.07 -7.13 8.83
C GLN A 134 3.92 -6.51 8.03
N VAL A 135 3.20 -5.57 8.64
CA VAL A 135 2.08 -4.81 7.99
C VAL A 135 2.29 -3.33 8.24
N ILE A 136 2.33 -2.54 7.18
CA ILE A 136 2.24 -1.07 7.27
C ILE A 136 0.93 -0.66 6.58
N ILE A 137 0.13 0.19 7.21
CA ILE A 137 -1.13 0.69 6.60
C ILE A 137 -0.91 2.15 6.21
N GLN A 138 -1.30 2.49 4.98
CA GLN A 138 -1.11 3.83 4.37
C GLN A 138 -2.47 4.36 3.91
N SER A 139 -2.65 5.66 3.91
CA SER A 139 -3.86 6.29 3.35
C SER A 139 -3.62 7.78 3.07
N PHE A 140 -4.33 8.31 2.09
CA PHE A 140 -4.54 9.77 1.90
C PHE A 140 -5.59 10.28 2.90
N ALA A 141 -6.44 9.38 3.41
CA ALA A 141 -7.54 9.69 4.35
C ALA A 141 -7.00 9.64 5.79
N ARG A 142 -6.72 10.81 6.37
CA ARG A 142 -6.24 10.91 7.77
C ARG A 142 -7.24 10.20 8.68
N GLU A 143 -8.53 10.27 8.34
CA GLU A 143 -9.65 9.72 9.15
C GLU A 143 -9.50 8.20 9.26
N SER A 144 -9.08 7.54 8.18
CA SER A 144 -8.83 6.07 8.16
C SER A 144 -7.67 5.74 9.10
N LEU A 145 -6.57 6.48 9.01
CA LEU A 145 -5.36 6.19 9.82
C LEU A 145 -5.68 6.42 11.30
N ILE A 146 -6.39 7.49 11.62
CA ILE A 146 -6.73 7.79 13.05
C ILE A 146 -7.64 6.70 13.61
N ASN A 147 -8.65 6.29 12.84
CA ASN A 147 -9.61 5.23 13.25
C ASN A 147 -8.84 3.94 13.51
N ILE A 148 -7.93 3.56 12.61
CA ILE A 148 -7.12 2.32 12.78
C ILE A 148 -6.21 2.46 14.00
N HIS A 149 -5.57 3.62 14.18
CA HIS A 149 -4.63 3.88 15.30
C HIS A 149 -5.38 3.75 16.63
N ASN A 150 -6.64 4.17 16.68
CA ASN A 150 -7.51 4.07 17.88
C ASN A 150 -7.75 2.60 18.26
N GLN A 151 -7.77 1.69 17.28
CA GLN A 151 -8.15 0.27 17.49
C GLN A 151 -6.91 -0.61 17.67
N PHE A 152 -5.87 -0.39 16.87
CA PHE A 152 -4.61 -1.17 16.89
C PHE A 152 -3.45 -0.19 16.85
N SER A 153 -3.06 0.32 18.01
CA SER A 153 -2.14 1.47 18.18
C SER A 153 -0.72 1.10 17.74
N ASN A 154 -0.38 -0.19 17.60
CA ASN A 154 1.01 -0.64 17.32
C ASN A 154 1.24 -0.86 15.83
N ILE A 155 0.21 -0.76 14.99
CA ILE A 155 0.42 -0.91 13.52
C ILE A 155 1.12 0.35 13.02
N PRO A 156 2.27 0.24 12.33
CA PRO A 156 2.90 1.42 11.74
C PRO A 156 2.02 1.98 10.62
N LEU A 157 1.77 3.29 10.69
CA LEU A 157 0.89 4.01 9.74
C LEU A 157 1.72 4.99 8.92
N ALA A 158 1.44 5.05 7.62
CA ALA A 158 2.06 6.00 6.68
C ALA A 158 0.98 6.93 6.11
N TYR A 159 1.20 8.24 6.23
CA TYR A 159 0.32 9.29 5.66
C TYR A 159 0.77 9.62 4.23
N LEU A 160 -0.11 9.38 3.26
CA LEU A 160 0.17 9.62 1.83
C LEU A 160 -0.12 11.09 1.51
N THR A 161 0.79 11.74 0.81
CA THR A 161 0.63 13.15 0.43
C THR A 161 1.30 13.43 -0.91
N SER A 162 0.71 14.34 -1.69
CA SER A 162 1.28 14.84 -2.97
C SER A 162 2.14 16.08 -2.72
N THR A 163 2.24 16.53 -1.47
CA THR A 163 3.12 17.67 -1.06
C THR A 163 4.04 17.16 0.04
N PHE A 164 4.97 17.99 0.48
CA PHE A 164 5.92 17.60 1.56
C PHE A 164 6.28 18.87 2.33
N SER A 165 5.46 19.20 3.32
CA SER A 165 5.56 20.44 4.12
C SER A 165 5.81 20.08 5.58
N GLU A 166 6.42 21.00 6.33
CA GLU A 166 6.61 20.84 7.79
C GLU A 166 5.25 20.66 8.49
N SER A 167 4.18 21.35 8.06
CA SER A 167 2.85 21.25 8.73
C SER A 167 2.36 19.79 8.65
N GLU A 168 2.53 19.13 7.51
CA GLU A 168 2.14 17.71 7.32
C GLU A 168 2.99 16.80 8.20
N MSE A 169 4.29 17.08 8.34
CA MSE A 169 5.14 16.28 9.24
C MSE A 169 4.63 16.40 10.67
O MSE A 169 4.58 15.40 11.37
CB MSE A 169 6.59 16.75 9.12
CG MSE A 169 7.22 16.45 7.81
SE MSE A 169 8.95 17.37 7.81
CE MSE A 169 9.19 17.86 5.94
N ASP A 170 4.29 17.63 11.09
CA ASP A 170 3.83 17.88 12.48
C ASP A 170 2.54 17.12 12.74
N ASP A 171 1.63 17.08 11.75
CA ASP A 171 0.35 16.33 11.87
C ASP A 171 0.68 14.84 12.03
N CYS A 172 1.61 14.30 11.24
CA CYS A 172 2.05 12.88 11.36
C CYS A 172 2.49 12.59 12.80
N LEU A 173 3.27 13.48 13.42
CA LEU A 173 3.76 13.32 14.84
C LEU A 173 2.58 13.32 15.80
N SER A 174 1.69 14.30 15.66
CA SER A 174 0.50 14.52 16.52
C SER A 174 -0.34 13.25 16.60
N TYR A 175 -0.47 12.54 15.48
CA TYR A 175 -1.43 11.40 15.34
C TYR A 175 -0.70 10.06 15.49
N GLY A 176 0.61 10.09 15.72
CA GLY A 176 1.41 8.89 16.05
C GLY A 176 1.70 8.05 14.82
N PHE A 177 1.80 8.68 13.65
CA PHE A 177 2.14 7.99 12.38
C PHE A 177 3.64 7.69 12.37
N TYR A 178 4.00 6.59 11.72
CA TYR A 178 5.39 6.07 11.62
C TYR A 178 6.12 6.76 10.45
N ALA A 179 5.40 6.95 9.34
CA ALA A 179 6.01 7.48 8.10
C ALA A 179 5.14 8.56 7.46
N ILE A 180 5.80 9.45 6.74
CA ILE A 180 5.15 10.30 5.72
C ILE A 180 5.58 9.74 4.37
N ALA A 181 4.63 9.64 3.44
CA ALA A 181 4.83 8.99 2.13
C ALA A 181 4.50 10.00 1.06
N PRO A 182 5.47 10.87 0.69
CA PRO A 182 5.24 11.93 -0.27
C PRO A 182 5.53 11.53 -1.72
N LYS A 183 4.82 12.14 -2.65
CA LYS A 183 5.15 12.05 -4.09
C LYS A 183 6.63 12.42 -4.25
N TYR A 184 7.40 11.58 -4.96
CA TYR A 184 8.88 11.60 -4.88
C TYR A 184 9.44 12.91 -5.43
N THR A 185 8.73 13.59 -6.34
CA THR A 185 9.22 14.83 -7.00
C THR A 185 9.11 16.04 -6.05
N THR A 186 8.51 15.89 -4.87
CA THR A 186 8.40 16.97 -3.85
C THR A 186 9.53 16.88 -2.84
N ILE A 187 10.34 15.84 -2.90
CA ILE A 187 11.31 15.52 -1.81
C ILE A 187 12.61 16.27 -2.07
N THR A 188 13.16 16.85 -1.00
CA THR A 188 14.54 17.40 -0.97
C THR A 188 15.26 16.79 0.22
N LYS A 189 16.60 16.80 0.21
CA LYS A 189 17.38 16.29 1.36
C LYS A 189 17.05 17.13 2.60
N GLU A 190 16.89 18.45 2.47
CA GLU A 190 16.56 19.33 3.62
C GLU A 190 15.24 18.86 4.26
N LEU A 191 14.23 18.56 3.44
CA LEU A 191 12.91 18.11 3.96
C LEU A 191 13.02 16.72 4.59
N VAL A 192 13.79 15.81 4.00
CA VAL A 192 13.99 14.46 4.59
C VAL A 192 14.69 14.61 5.94
N ASP A 193 15.71 15.46 6.02
CA ASP A 193 16.47 15.68 7.29
C ASP A 193 15.52 16.23 8.35
N LEU A 194 14.64 17.15 7.98
CA LEU A 194 13.62 17.73 8.90
C LEU A 194 12.66 16.61 9.37
N ALA A 195 12.16 15.79 8.45
CA ALA A 195 11.28 14.64 8.79
C ALA A 195 11.98 13.71 9.79
N HIS A 196 13.22 13.32 9.50
CA HIS A 196 14.05 12.47 10.38
C HIS A 196 14.21 13.11 11.76
N SER A 197 14.50 14.40 11.83
CA SER A 197 14.69 15.14 13.10
C SER A 197 13.41 15.05 13.94
N LYS A 198 12.24 14.91 13.31
CA LYS A 198 10.93 14.76 13.98
C LYS A 198 10.59 13.29 14.26
N GLY A 199 11.45 12.35 13.86
CA GLY A 199 11.31 10.91 14.15
C GLY A 199 10.37 10.23 13.17
N LEU A 200 10.17 10.81 11.98
CA LEU A 200 9.36 10.22 10.88
C LEU A 200 10.28 9.51 9.87
N LYS A 201 9.81 8.41 9.31
CA LYS A 201 10.40 7.78 8.11
C LYS A 201 9.76 8.42 6.87
N VAL A 202 10.46 8.38 5.74
CA VAL A 202 10.02 8.96 4.46
C VAL A 202 10.00 7.84 3.42
N HIS A 203 8.82 7.55 2.86
CA HIS A 203 8.62 6.51 1.81
C HIS A 203 8.10 7.19 0.55
N ALA A 204 8.94 7.31 -0.46
CA ALA A 204 8.67 8.10 -1.68
C ALA A 204 7.96 7.25 -2.73
N TRP A 205 7.01 7.83 -3.47
CA TRP A 205 6.26 7.13 -4.55
C TRP A 205 6.07 8.07 -5.73
N THR A 206 5.90 7.54 -6.96
CA THR A 206 6.27 6.21 -7.39
C THR A 206 7.46 6.38 -8.35
N VAL A 207 8.62 5.84 -8.01
CA VAL A 207 9.89 6.14 -8.75
C VAL A 207 10.22 4.96 -9.66
N ASN A 208 10.50 5.24 -10.93
CA ASN A 208 10.51 4.20 -12.00
C ASN A 208 11.84 4.17 -12.77
N THR A 209 12.80 5.05 -12.47
CA THR A 209 14.10 5.08 -13.18
C THR A 209 15.25 5.00 -12.16
N LYS A 210 16.36 4.38 -12.58
CA LYS A 210 17.56 4.21 -11.73
C LYS A 210 18.10 5.59 -11.33
N GLU A 211 18.06 6.58 -12.22
CA GLU A 211 18.61 7.93 -11.95
C GLU A 211 17.82 8.58 -10.81
N GLU A 212 16.49 8.47 -10.86
CA GLU A 212 15.61 9.09 -9.83
C GLU A 212 15.73 8.29 -8.53
N MSE A 213 15.91 6.98 -8.60
CA MSE A 213 16.14 6.14 -7.39
C MSE A 213 17.43 6.60 -6.70
O MSE A 213 17.43 6.73 -5.46
CB MSE A 213 16.26 4.66 -7.77
CG MSE A 213 14.95 4.06 -8.16
SE MSE A 213 15.21 2.23 -8.71
CE MSE A 213 13.38 1.71 -9.18
N GLN A 214 18.49 6.81 -7.47
CA GLN A 214 19.80 7.25 -6.93
C GLN A 214 19.63 8.57 -6.21
N SER A 215 18.95 9.55 -6.82
CA SER A 215 18.68 10.88 -6.21
C SER A 215 17.99 10.70 -4.85
N LEU A 216 16.92 9.90 -4.80
CA LEU A 216 16.13 9.72 -3.54
C LEU A 216 17.01 9.09 -2.46
N ILE A 217 17.83 8.11 -2.81
CA ILE A 217 18.75 7.44 -1.86
C ILE A 217 19.75 8.46 -1.32
N GLN A 218 20.28 9.34 -2.18
CA GLN A 218 21.21 10.43 -1.77
C GLN A 218 20.50 11.40 -0.82
N MSE A 219 19.19 11.60 -0.98
CA MSE A 219 18.42 12.51 -0.09
C MSE A 219 18.15 11.84 1.26
O MSE A 219 17.72 12.57 2.17
CB MSE A 219 17.10 12.91 -0.75
CG MSE A 219 17.30 13.81 -1.93
SE MSE A 219 15.54 14.11 -2.71
CE MSE A 219 16.04 15.24 -4.23
N GLY A 220 18.36 10.53 1.38
CA GLY A 220 18.21 9.76 2.63
C GLY A 220 16.81 9.20 2.83
N VAL A 221 16.01 9.00 1.79
CA VAL A 221 14.66 8.40 1.96
C VAL A 221 14.85 6.99 2.54
N ASP A 222 13.85 6.52 3.28
CA ASP A 222 13.89 5.25 4.06
C ASP A 222 13.33 4.12 3.20
N GLY A 223 12.72 4.46 2.07
CA GLY A 223 12.09 3.47 1.19
C GLY A 223 11.43 4.16 0.02
N PHE A 224 11.10 3.40 -1.01
CA PHE A 224 10.26 3.95 -2.10
C PHE A 224 9.48 2.82 -2.76
N PHE A 225 8.39 3.23 -3.41
CA PHE A 225 7.49 2.40 -4.22
C PHE A 225 7.93 2.52 -5.67
N THR A 226 8.07 1.39 -6.36
CA THR A 226 8.48 1.39 -7.78
C THR A 226 7.62 0.40 -8.57
N ASN A 227 7.42 0.69 -9.85
CA ASN A 227 6.85 -0.24 -10.86
C ASN A 227 7.94 -1.12 -11.48
N TYR A 228 9.22 -0.79 -11.30
CA TYR A 228 10.34 -1.46 -12.02
C TYR A 228 11.42 -1.89 -11.03
N LEU A 229 11.15 -2.98 -10.31
CA LEU A 229 12.04 -3.50 -9.25
C LEU A 229 13.43 -3.84 -9.85
N ASP A 230 13.51 -4.28 -11.11
CA ASP A 230 14.82 -4.68 -11.69
C ASP A 230 15.75 -3.46 -11.82
N GLU A 231 15.21 -2.24 -11.89
CA GLU A 231 16.02 -0.99 -12.01
C GLU A 231 16.81 -0.74 -10.73
N TYR A 232 16.28 -1.17 -9.57
CA TYR A 232 16.96 -1.02 -8.26
C TYR A 232 18.29 -1.81 -8.26
N LYS A 233 18.34 -2.95 -8.95
CA LYS A 233 19.57 -3.81 -9.02
C LYS A 233 20.64 -3.16 -9.91
N LYS A 234 20.30 -2.10 -10.65
CA LYS A 234 21.22 -1.40 -11.60
C LYS A 234 21.77 -0.11 -10.98
N ILE A 235 21.43 0.19 -9.72
CA ILE A 235 21.90 1.43 -9.02
C ILE A 235 23.40 1.28 -8.72
O1 G3P B . 0.58 4.32 -2.04
C1 G3P B . 1.67 4.96 -2.69
C2 G3P B . 1.19 5.39 -4.05
O2 G3P B . 0.75 4.22 -4.74
C3 G3P B . 0.07 6.40 -3.96
O1P G3P B . -0.50 6.68 -5.24
O4P G3P B . -2.41 6.47 -6.76
O2P G3P B . -0.49 4.85 -6.98
O3P G3P B . -2.09 4.68 -4.99
P G3P B . -1.41 5.59 -6.03
CA CA C . -1.14 3.08 -3.52
P PO4 D . -24.55 -7.50 -7.72
O1 PO4 D . -24.67 -6.92 -9.14
O2 PO4 D . -25.45 -6.71 -6.76
O3 PO4 D . -24.98 -8.96 -7.72
O4 PO4 D . -23.13 -7.40 -7.25
P PO4 E . 17.28 18.90 -4.95
O1 PO4 E . 16.83 18.21 -6.21
O2 PO4 E . 17.82 20.29 -5.29
O3 PO4 E . 16.12 19.04 -3.98
O4 PO4 E . 18.38 18.09 -4.31
#